data_7QP0
#
_entry.id   7QP0
#
_cell.length_a   95.700
_cell.length_b   83.600
_cell.length_c   87.800
_cell.angle_alpha   90.000
_cell.angle_beta   106.600
_cell.angle_gamma   90.000
#
_symmetry.space_group_name_H-M   'C 1 2 1'
#
loop_
_entity.id
_entity.type
_entity.pdbx_description
1 polymer Metacaspase-1
2 non-polymer '4-(2-HYDROXYETHYL)-1-PIPERAZINE ETHANESULFONIC ACID'
3 non-polymer 'MAGNESIUM ION'
4 water water
#
_entity_poly.entity_id   1
_entity_poly.type   'polypeptide(L)'
_entity_poly.pdbx_seq_one_letter_code
;MYPGSGNYSYNNRPSMPPPGFNGDGQGYRQEYGNQYGGGYQQQQYQDQYQGENRGQYQGQYQDQPEYGRPPSGMVRPPSS
IQQGNGQQFQYSQMTGRRKALLIGINYIGSKNALRGCINDAHNIFNYLTTYCGYRPEDIVMLTDDQREMVKIPLKENIIR
AMQWLVKDAQPNDALFFHYSGHGGQTKDLDGDEEDGMDDVIYPVDFESVGPLIDDTMHDIMVKSLPQGARLTALFDSCHS
GTVLDLPYTYSTKGVIKEPNMWKDVGSDGIQAAMAYATGNRSALFSSIGNMVSSVTKKQNVDRERVRQIKFSPADVIMLS
GSKDNQTSADTFADGQNIGAMSHAFISVMTRQPQQSYLSLLQNLRNELAGKYSQKPQLSASHPIDVNLQFIM
;
_entity_poly.pdbx_strand_id   A,B
#
loop_
_chem_comp.id
_chem_comp.type
_chem_comp.name
_chem_comp.formula
EPE non-polymer '4-(2-HYDROXYETHYL)-1-PIPERAZINE ETHANESULFONIC ACID' 'C8 H18 N2 O4 S'
MG non-polymer 'MAGNESIUM ION' 'Mg 2'
#
# COMPACT_ATOMS: atom_id res chain seq x y z
N GLY A 73 1.43 25.57 19.46
CA GLY A 73 0.40 24.84 18.71
C GLY A 73 0.24 25.38 17.29
N MET A 74 -0.56 24.70 16.48
CA MET A 74 -0.84 25.12 15.12
C MET A 74 -1.99 26.12 15.12
N VAL A 75 -2.13 26.87 14.02
CA VAL A 75 -3.31 27.70 13.82
C VAL A 75 -4.22 26.97 12.84
N ARG A 76 -5.36 26.44 13.31
CA ARG A 76 -6.25 25.82 12.36
C ARG A 76 -6.98 26.87 11.50
N PRO A 77 -7.44 26.47 10.31
CA PRO A 77 -8.16 27.40 9.47
C PRO A 77 -9.41 27.90 10.18
N PRO A 78 -9.79 29.14 9.95
CA PRO A 78 -10.97 29.69 10.63
C PRO A 78 -12.21 28.93 10.20
N SER A 79 -13.24 28.99 11.05
CA SER A 79 -14.45 28.30 10.66
C SER A 79 -15.48 29.24 10.03
N SER A 80 -15.33 30.57 10.18
CA SER A 80 -16.30 31.46 9.56
C SER A 80 -16.10 31.55 8.05
N ILE A 81 -17.20 31.84 7.33
CA ILE A 81 -17.10 32.23 5.92
C ILE A 81 -16.06 33.30 5.80
N GLN A 82 -15.22 33.17 4.79
CA GLN A 82 -14.19 34.14 4.50
C GLN A 82 -14.56 34.94 3.25
N GLN A 83 -14.24 36.23 3.28
CA GLN A 83 -14.19 37.09 2.11
C GLN A 83 -12.73 37.26 1.70
N GLY A 84 -12.44 36.94 0.47
CA GLY A 84 -11.10 37.26 0.02
C GLY A 84 -11.14 37.50 -1.46
N ASN A 85 -10.72 38.70 -1.88
CA ASN A 85 -10.59 39.04 -3.30
C ASN A 85 -11.93 38.95 -4.03
N GLY A 86 -12.99 39.47 -3.43
CA GLY A 86 -14.31 39.42 -4.05
C GLY A 86 -14.87 38.02 -4.18
N GLN A 87 -14.53 37.14 -3.25
CA GLN A 87 -14.99 35.75 -3.24
C GLN A 87 -15.43 35.40 -1.82
N GLN A 88 -16.48 34.60 -1.71
CA GLN A 88 -16.83 34.00 -0.42
C GLN A 88 -16.41 32.55 -0.45
N PHE A 89 -15.79 32.07 0.63
CA PHE A 89 -15.37 30.67 0.62
C PHE A 89 -15.23 30.24 2.07
N GLN A 90 -15.18 28.93 2.27
CA GLN A 90 -15.04 28.42 3.64
C GLN A 90 -14.03 27.27 3.63
N TYR A 91 -13.11 27.26 4.59
CA TYR A 91 -12.19 26.12 4.73
C TYR A 91 -12.95 24.96 5.39
N SER A 92 -12.64 23.73 4.96
CA SER A 92 -13.18 22.57 5.69
C SER A 92 -12.48 22.37 7.05
N GLN A 93 -13.29 22.05 8.06
CA GLN A 93 -12.71 21.62 9.34
C GLN A 93 -12.33 20.15 9.36
N MET A 94 -12.56 19.42 8.26
CA MET A 94 -12.12 18.01 8.14
C MET A 94 -12.70 17.07 9.18
N THR A 95 -13.82 17.44 9.75
CA THR A 95 -14.52 16.62 10.74
C THR A 95 -15.60 15.74 10.11
N GLY A 96 -15.86 15.84 8.80
CA GLY A 96 -16.94 15.11 8.15
C GLY A 96 -16.51 13.79 7.54
N ARG A 97 -17.22 13.38 6.50
CA ARG A 97 -17.04 12.06 5.90
C ARG A 97 -15.76 12.00 5.08
N ARG A 98 -15.13 10.84 5.13
CA ARG A 98 -13.89 10.61 4.43
C ARG A 98 -14.08 9.57 3.32
N LYS A 99 -14.13 10.05 2.08
CA LYS A 99 -14.26 9.18 0.90
C LYS A 99 -13.16 9.55 -0.07
N ALA A 100 -12.70 8.57 -0.86
CA ALA A 100 -11.61 8.83 -1.79
C ALA A 100 -11.85 8.06 -3.08
N LEU A 101 -11.36 8.67 -4.15
CA LEU A 101 -11.34 8.06 -5.49
C LEU A 101 -9.86 8.06 -5.90
N LEU A 102 -9.32 6.86 -6.15
CA LEU A 102 -7.88 6.75 -6.49
C LEU A 102 -7.78 6.05 -7.81
N ILE A 103 -7.00 6.63 -8.72
CA ILE A 103 -6.96 6.16 -10.12
C ILE A 103 -5.51 5.96 -10.46
N GLY A 104 -5.12 4.72 -10.78
CA GLY A 104 -3.76 4.46 -11.21
C GLY A 104 -3.79 3.72 -12.53
N ILE A 105 -3.20 4.28 -13.57
CA ILE A 105 -3.35 3.69 -14.92
C ILE A 105 -1.97 3.41 -15.46
N ASN A 106 -1.70 2.12 -15.75
CA ASN A 106 -0.42 1.76 -16.35
C ASN A 106 -0.52 1.58 -17.86
N TYR A 107 -1.73 1.58 -18.43
CA TYR A 107 -1.89 1.43 -19.90
C TYR A 107 -1.21 0.13 -20.34
N ILE A 108 -1.45 -0.92 -19.57
CA ILE A 108 -0.70 -2.16 -19.65
C ILE A 108 -0.80 -2.74 -21.06
N GLY A 109 0.35 -3.10 -21.59
CA GLY A 109 0.41 -3.73 -22.91
C GLY A 109 0.36 -2.79 -24.08
N SER A 110 0.26 -1.48 -23.86
CA SER A 110 0.15 -0.50 -24.93
C SER A 110 1.49 0.17 -25.16
N LYS A 111 1.56 0.98 -26.24
CA LYS A 111 2.78 1.76 -26.51
C LYS A 111 3.00 2.88 -25.52
N ASN A 112 1.97 3.22 -24.75
CA ASN A 112 2.12 4.24 -23.72
C ASN A 112 2.21 3.66 -22.32
N ALA A 113 2.62 2.38 -22.19
CA ALA A 113 2.69 1.73 -20.88
C ALA A 113 3.58 2.46 -19.88
N LEU A 114 3.10 2.48 -18.63
CA LEU A 114 3.80 3.02 -17.48
C LEU A 114 3.96 1.90 -16.47
N ARG A 115 4.96 2.01 -15.59
CA ARG A 115 5.22 0.94 -14.66
C ARG A 115 4.79 1.17 -13.23
N GLY A 116 4.58 2.44 -12.80
CA GLY A 116 4.45 2.70 -11.37
C GLY A 116 3.12 3.32 -10.96
N CYS A 117 2.22 3.58 -11.94
CA CYS A 117 1.01 4.34 -11.57
C CYS A 117 0.05 3.54 -10.70
N ILE A 118 -0.09 2.25 -10.96
CA ILE A 118 -0.95 1.44 -10.13
C ILE A 118 -0.40 1.39 -8.72
N ASN A 119 0.91 1.27 -8.60
CA ASN A 119 1.54 1.24 -7.27
C ASN A 119 1.30 2.58 -6.55
N ASP A 120 1.32 3.67 -7.32
CA ASP A 120 1.07 4.99 -6.71
C ASP A 120 -0.28 5.01 -6.06
N ALA A 121 -1.29 4.47 -6.75
CA ALA A 121 -2.62 4.48 -6.16
C ALA A 121 -2.68 3.59 -4.89
N HIS A 122 -2.05 2.41 -4.95
CA HIS A 122 -1.99 1.57 -3.76
C HIS A 122 -1.27 2.31 -2.61
N ASN A 123 -0.21 3.04 -2.92
CA ASN A 123 0.50 3.75 -1.84
C ASN A 123 -0.37 4.84 -1.22
N ILE A 124 -1.14 5.54 -2.03
CA ILE A 124 -2.06 6.52 -1.44
C ILE A 124 -3.15 5.82 -0.67
N PHE A 125 -3.69 4.71 -1.20
CA PHE A 125 -4.67 3.93 -0.43
C PHE A 125 -4.15 3.60 0.97
N ASN A 126 -2.91 3.09 1.04
N ASN A 126 -2.91 3.12 1.04
CA ASN A 126 -2.29 2.70 2.30
CA ASN A 126 -2.34 2.72 2.33
C ASN A 126 -2.14 3.91 3.21
C ASN A 126 -2.15 3.92 3.23
N TYR A 127 -1.66 5.03 2.66
CA TYR A 127 -1.49 6.23 3.48
C TYR A 127 -2.84 6.69 4.05
N LEU A 128 -3.89 6.76 3.20
CA LEU A 128 -5.19 7.26 3.71
C LEU A 128 -5.80 6.32 4.74
N THR A 129 -5.70 5.01 4.53
CA THR A 129 -6.31 4.13 5.51
C THR A 129 -5.47 4.03 6.77
N THR A 130 -4.13 4.13 6.68
CA THR A 130 -3.27 4.00 7.88
C THR A 130 -3.23 5.27 8.70
N TYR A 131 -3.10 6.41 8.06
CA TYR A 131 -2.85 7.64 8.79
C TYR A 131 -4.01 8.62 8.80
N CYS A 132 -5.03 8.46 7.93
CA CYS A 132 -6.02 9.52 7.76
C CYS A 132 -7.42 9.02 8.01
N GLY A 133 -7.58 7.80 8.57
CA GLY A 133 -8.90 7.40 8.99
C GLY A 133 -9.85 7.01 7.88
N TYR A 134 -9.37 6.82 6.65
CA TYR A 134 -10.27 6.39 5.58
C TYR A 134 -10.52 4.88 5.71
N ARG A 135 -11.75 4.51 5.45
CA ARG A 135 -12.13 3.12 5.54
C ARG A 135 -12.18 2.50 4.12
N PRO A 136 -11.79 1.21 4.01
CA PRO A 136 -11.74 0.66 2.64
C PRO A 136 -13.06 0.74 1.89
N GLU A 137 -14.20 0.57 2.57
CA GLU A 137 -15.49 0.65 1.90
C GLU A 137 -15.82 2.03 1.41
N ASP A 138 -15.03 3.05 1.78
CA ASP A 138 -15.21 4.44 1.40
C ASP A 138 -14.20 4.88 0.35
N ILE A 139 -13.45 3.96 -0.23
CA ILE A 139 -12.46 4.26 -1.28
C ILE A 139 -12.80 3.44 -2.51
N VAL A 140 -12.90 4.14 -3.63
CA VAL A 140 -13.00 3.49 -4.96
C VAL A 140 -11.61 3.60 -5.58
N MET A 141 -10.98 2.48 -5.89
CA MET A 141 -9.67 2.48 -6.53
C MET A 141 -9.86 1.85 -7.91
N LEU A 142 -9.49 2.56 -8.96
CA LEU A 142 -9.62 2.06 -10.34
C LEU A 142 -8.22 1.89 -10.90
N THR A 143 -7.86 0.66 -11.22
CA THR A 143 -6.52 0.37 -11.77
C THR A 143 -6.70 -0.67 -12.88
N ASP A 144 -5.87 -0.55 -13.90
CA ASP A 144 -6.16 -1.36 -15.11
C ASP A 144 -5.50 -2.73 -15.10
N ASP A 145 -5.00 -3.22 -13.96
CA ASP A 145 -4.60 -4.62 -13.85
C ASP A 145 -5.76 -5.52 -13.43
N GLN A 146 -6.95 -4.96 -13.23
CA GLN A 146 -8.08 -5.66 -12.62
C GLN A 146 -8.84 -6.52 -13.62
N ARG A 147 -9.23 -7.69 -13.18
CA ARG A 147 -10.10 -8.51 -14.03
C ARG A 147 -11.56 -8.11 -13.92
N GLU A 148 -12.01 -7.49 -12.85
CA GLU A 148 -13.38 -7.01 -12.74
C GLU A 148 -13.55 -5.65 -13.41
N MET A 149 -14.41 -5.63 -14.42
CA MET A 149 -14.61 -4.48 -15.28
C MET A 149 -14.93 -3.22 -14.50
N VAL A 150 -15.75 -3.33 -13.46
CA VAL A 150 -16.12 -2.14 -12.71
C VAL A 150 -14.95 -1.52 -11.96
N LYS A 151 -13.84 -2.20 -11.84
CA LYS A 151 -12.68 -1.64 -11.17
C LYS A 151 -11.67 -1.07 -12.17
N ILE A 152 -11.94 -1.16 -13.46
CA ILE A 152 -11.00 -0.68 -14.47
C ILE A 152 -11.20 0.83 -14.68
N PRO A 153 -10.11 1.62 -14.85
CA PRO A 153 -10.25 3.06 -15.09
C PRO A 153 -10.64 3.40 -16.54
N LEU A 154 -11.75 2.80 -17.01
CA LEU A 154 -12.45 3.26 -18.24
C LEU A 154 -13.02 4.65 -17.99
N LYS A 155 -13.10 5.47 -19.04
CA LYS A 155 -13.65 6.81 -18.88
C LYS A 155 -15.00 6.77 -18.17
N GLU A 156 -15.88 5.85 -18.56
CA GLU A 156 -17.24 5.85 -18.00
C GLU A 156 -17.23 5.48 -16.51
N ASN A 157 -16.32 4.57 -16.11
CA ASN A 157 -16.15 4.20 -14.70
C ASN A 157 -15.59 5.37 -13.91
N ILE A 158 -14.64 6.13 -14.49
CA ILE A 158 -14.08 7.28 -13.79
C ILE A 158 -15.17 8.31 -13.55
N ILE A 159 -15.97 8.59 -14.60
CA ILE A 159 -17.06 9.55 -14.43
C ILE A 159 -18.03 9.12 -13.34
N ARG A 160 -18.48 7.86 -13.36
CA ARG A 160 -19.41 7.38 -12.34
C ARG A 160 -18.77 7.43 -10.96
N ALA A 161 -17.47 7.12 -10.88
CA ALA A 161 -16.81 7.16 -9.55
C ALA A 161 -16.67 8.61 -9.06
N MET A 162 -16.37 9.55 -9.95
CA MET A 162 -16.34 10.96 -9.51
C MET A 162 -17.68 11.45 -9.02
N GLN A 163 -18.76 11.02 -9.70
CA GLN A 163 -20.10 11.32 -9.21
C GLN A 163 -20.33 10.70 -7.82
N TRP A 164 -19.90 9.46 -7.62
CA TRP A 164 -20.04 8.84 -6.29
C TRP A 164 -19.28 9.61 -5.23
N LEU A 165 -18.08 10.07 -5.58
CA LEU A 165 -17.21 10.70 -4.58
C LEU A 165 -17.89 11.89 -3.93
N VAL A 166 -18.60 12.70 -4.73
CA VAL A 166 -19.15 13.98 -4.25
C VAL A 166 -20.63 13.89 -3.91
N LYS A 167 -21.27 12.75 -4.12
CA LYS A 167 -22.69 12.68 -3.85
C LYS A 167 -22.80 12.82 -2.33
N ASP A 168 -23.79 13.50 -1.83
CA ASP A 168 -23.89 13.55 -0.38
C ASP A 168 -22.82 14.45 0.29
N ALA A 169 -21.97 15.18 -0.44
CA ALA A 169 -20.99 16.05 0.24
C ALA A 169 -21.66 17.13 1.08
N GLN A 170 -21.08 17.40 2.24
CA GLN A 170 -21.53 18.41 3.18
C GLN A 170 -20.34 19.28 3.52
N PRO A 171 -20.58 20.49 4.02
CA PRO A 171 -19.51 21.23 4.66
C PRO A 171 -18.77 20.39 5.67
N ASN A 172 -17.44 20.53 5.68
CA ASN A 172 -16.46 19.90 6.58
C ASN A 172 -16.17 18.45 6.17
N ASP A 173 -16.72 17.96 5.06
CA ASP A 173 -16.29 16.65 4.57
C ASP A 173 -14.83 16.74 4.09
N ALA A 174 -14.21 15.56 4.00
CA ALA A 174 -12.77 15.40 3.64
C ALA A 174 -12.71 14.41 2.47
N LEU A 175 -12.93 14.92 1.26
CA LEU A 175 -12.89 14.07 0.09
C LEU A 175 -11.52 14.07 -0.54
N PHE A 176 -11.13 12.92 -1.08
CA PHE A 176 -9.75 12.84 -1.61
C PHE A 176 -9.80 12.29 -3.02
N PHE A 177 -9.01 12.85 -3.93
CA PHE A 177 -8.94 12.38 -5.31
C PHE A 177 -7.48 12.22 -5.67
N HIS A 178 -7.11 11.04 -6.20
CA HIS A 178 -5.72 10.83 -6.63
C HIS A 178 -5.74 10.31 -8.07
N TYR A 179 -4.87 10.87 -8.91
CA TYR A 179 -4.74 10.41 -10.27
C TYR A 179 -3.29 10.21 -10.57
N SER A 180 -2.94 8.99 -11.00
CA SER A 180 -1.61 8.73 -11.50
C SER A 180 -1.77 8.03 -12.83
N GLY A 181 -1.30 8.70 -13.87
CA GLY A 181 -1.47 8.25 -15.25
C GLY A 181 -1.01 9.34 -16.22
N HIS A 182 -1.37 9.17 -17.49
CA HIS A 182 -0.98 10.16 -18.48
C HIS A 182 -1.85 11.41 -18.40
N GLY A 183 -1.26 12.53 -18.79
CA GLY A 183 -2.02 13.76 -18.86
C GLY A 183 -1.52 14.64 -19.98
N GLY A 184 -2.32 15.62 -20.31
CA GLY A 184 -1.89 16.56 -21.33
C GLY A 184 -2.96 17.55 -21.68
N GLN A 185 -2.91 18.05 -22.93
CA GLN A 185 -3.89 19.00 -23.42
C GLN A 185 -4.34 18.55 -24.79
N THR A 186 -5.61 18.77 -25.09
CA THR A 186 -6.10 18.50 -26.43
C THR A 186 -6.82 19.73 -26.95
N LYS A 187 -6.80 19.92 -28.26
CA LYS A 187 -7.44 21.10 -28.81
C LYS A 187 -8.91 21.11 -28.45
N ASP A 188 -9.35 22.26 -27.91
CA ASP A 188 -10.71 22.58 -27.50
C ASP A 188 -11.45 23.06 -28.74
N LEU A 189 -11.98 22.10 -29.48
CA LEU A 189 -12.43 22.42 -30.84
C LEU A 189 -13.74 23.19 -30.83
N ASP A 190 -14.52 23.10 -29.76
CA ASP A 190 -15.78 23.83 -29.67
C ASP A 190 -15.67 25.06 -28.78
N GLY A 191 -14.45 25.56 -28.54
CA GLY A 191 -14.13 26.43 -27.42
C GLY A 191 -14.19 27.94 -27.62
N ASP A 192 -14.66 28.43 -28.76
CA ASP A 192 -14.83 29.88 -28.97
C ASP A 192 -13.52 30.64 -28.70
N GLU A 193 -12.40 29.99 -28.97
CA GLU A 193 -11.09 30.62 -28.88
C GLU A 193 -10.13 29.80 -29.74
N GLU A 194 -9.51 30.43 -30.73
CA GLU A 194 -8.49 29.76 -31.52
C GLU A 194 -7.28 29.44 -30.64
N ASP A 195 -6.63 28.33 -30.96
CA ASP A 195 -5.54 27.78 -30.16
C ASP A 195 -5.95 27.44 -28.72
N GLY A 196 -7.24 27.45 -28.42
CA GLY A 196 -7.70 27.06 -27.09
C GLY A 196 -7.61 25.56 -26.89
N MET A 197 -7.12 25.17 -25.70
CA MET A 197 -6.79 23.79 -25.35
C MET A 197 -7.61 23.35 -24.13
N ASP A 198 -8.06 22.08 -24.10
CA ASP A 198 -8.58 21.49 -22.86
C ASP A 198 -7.44 20.80 -22.12
N ASP A 199 -7.42 20.90 -20.78
CA ASP A 199 -6.52 20.11 -19.97
C ASP A 199 -7.22 18.81 -19.63
N VAL A 200 -6.51 17.67 -19.78
CA VAL A 200 -7.19 16.38 -19.80
C VAL A 200 -6.39 15.31 -19.06
N ILE A 201 -7.12 14.29 -18.57
CA ILE A 201 -6.49 13.04 -18.15
C ILE A 201 -6.90 11.98 -19.19
N TYR A 202 -6.16 10.87 -19.18
CA TYR A 202 -6.33 9.82 -20.19
C TYR A 202 -6.80 8.52 -19.57
N PRO A 203 -8.10 8.23 -19.55
CA PRO A 203 -8.59 6.91 -19.13
C PRO A 203 -7.93 5.82 -19.93
N VAL A 204 -8.01 4.60 -19.42
CA VAL A 204 -7.24 3.53 -20.08
C VAL A 204 -7.77 3.28 -21.49
N ASP A 205 -9.04 3.56 -21.71
CA ASP A 205 -9.64 3.36 -23.03
C ASP A 205 -9.58 4.62 -23.91
N PHE A 206 -8.65 5.54 -23.66
CA PHE A 206 -8.69 6.84 -24.34
C PHE A 206 -8.54 6.70 -25.86
N GLU A 207 -7.93 5.63 -26.35
CA GLU A 207 -7.78 5.54 -27.82
C GLU A 207 -9.10 5.27 -28.49
N SER A 208 -10.11 4.83 -27.75
CA SER A 208 -11.40 4.61 -28.36
C SER A 208 -12.48 5.57 -27.88
N VAL A 209 -12.36 6.13 -26.67
CA VAL A 209 -13.35 7.08 -26.13
C VAL A 209 -12.84 8.49 -25.93
N GLY A 210 -11.52 8.74 -26.09
CA GLY A 210 -10.97 10.06 -25.96
C GLY A 210 -10.59 10.31 -24.50
N PRO A 211 -10.18 11.51 -24.20
CA PRO A 211 -9.77 11.89 -22.83
C PRO A 211 -10.97 12.27 -21.99
N LEU A 212 -10.68 12.47 -20.71
CA LEU A 212 -11.65 13.03 -19.78
C LEU A 212 -11.15 14.45 -19.51
N ILE A 213 -11.98 15.45 -19.83
CA ILE A 213 -11.43 16.84 -19.87
C ILE A 213 -11.78 17.59 -18.58
N ASP A 214 -10.99 18.63 -18.34
CA ASP A 214 -11.18 19.59 -17.26
C ASP A 214 -12.64 20.01 -17.08
N ASP A 215 -13.35 20.39 -18.14
CA ASP A 215 -14.73 20.83 -17.96
C ASP A 215 -15.57 19.79 -17.23
N THR A 216 -15.45 18.52 -17.64
CA THR A 216 -16.21 17.45 -17.01
C THR A 216 -15.82 17.25 -15.55
N MET A 217 -14.51 17.19 -15.29
CA MET A 217 -14.01 16.95 -13.94
C MET A 217 -14.44 18.06 -13.02
N HIS A 218 -14.37 19.31 -13.52
CA HIS A 218 -14.80 20.45 -12.73
C HIS A 218 -16.29 20.39 -12.50
N ASP A 219 -17.07 20.09 -13.53
CA ASP A 219 -18.52 20.05 -13.37
C ASP A 219 -18.94 18.97 -12.39
N ILE A 220 -18.30 17.79 -12.43
CA ILE A 220 -18.70 16.71 -11.52
C ILE A 220 -18.20 16.99 -10.12
N MET A 221 -16.92 17.26 -9.99
CA MET A 221 -16.26 17.20 -8.68
C MET A 221 -16.20 18.51 -7.93
N VAL A 222 -16.28 19.62 -8.64
CA VAL A 222 -16.09 20.93 -8.00
C VAL A 222 -17.40 21.70 -7.94
N LYS A 223 -18.11 21.80 -9.07
CA LYS A 223 -19.27 22.67 -9.09
C LYS A 223 -20.34 22.17 -8.12
N SER A 224 -20.37 20.86 -7.86
CA SER A 224 -21.37 20.24 -6.99
C SER A 224 -21.16 20.62 -5.52
N LEU A 225 -19.93 20.92 -5.12
CA LEU A 225 -19.58 20.91 -3.71
C LEU A 225 -20.16 22.12 -2.96
N PRO A 226 -20.68 21.88 -1.75
CA PRO A 226 -21.09 22.99 -0.86
C PRO A 226 -19.92 23.75 -0.29
N GLN A 227 -20.21 24.95 0.23
CA GLN A 227 -19.20 25.70 0.96
C GLN A 227 -18.58 24.84 2.06
N GLY A 228 -17.24 24.90 2.17
CA GLY A 228 -16.61 24.21 3.28
C GLY A 228 -16.40 22.72 3.11
N ALA A 229 -16.88 22.11 2.00
CA ALA A 229 -16.52 20.74 1.73
C ALA A 229 -15.10 20.73 1.15
N ARG A 230 -14.24 19.86 1.69
CA ARG A 230 -12.88 19.73 1.12
C ARG A 230 -12.86 18.67 0.04
N LEU A 231 -12.20 19.02 -1.07
CA LEU A 231 -11.75 18.04 -2.04
C LEU A 231 -10.24 18.27 -2.11
N THR A 232 -9.46 17.27 -1.74
CA THR A 232 -8.00 17.34 -1.85
C THR A 232 -7.65 16.48 -3.05
N ALA A 233 -7.09 17.09 -4.10
CA ALA A 233 -6.81 16.36 -5.34
C ALA A 233 -5.31 16.33 -5.52
N LEU A 234 -4.80 15.15 -5.62
CA LEU A 234 -3.35 14.94 -5.79
C LEU A 234 -3.12 14.34 -7.17
N PHE A 235 -2.45 15.11 -8.04
CA PHE A 235 -2.15 14.65 -9.41
C PHE A 235 -0.68 14.27 -9.49
N ASP A 236 -0.42 13.07 -10.00
CA ASP A 236 0.93 12.58 -10.24
C ASP A 236 1.37 12.84 -11.66
N SER A 237 0.53 13.47 -12.44
CA SER A 237 0.68 13.66 -13.88
C SER A 237 1.24 15.06 -14.25
N CYS A 238 1.59 15.89 -13.27
CA CYS A 238 2.12 17.25 -13.54
C CYS A 238 1.15 18.18 -14.24
N HIS A 239 -0.13 18.06 -13.90
CA HIS A 239 -1.12 19.02 -14.36
C HIS A 239 -0.96 20.33 -13.62
N SER A 240 -1.40 21.39 -14.30
CA SER A 240 -1.59 22.69 -13.68
C SER A 240 -2.99 22.76 -13.11
N GLY A 241 -3.26 23.78 -12.28
CA GLY A 241 -4.58 23.99 -11.71
C GLY A 241 -5.74 24.10 -12.67
N THR A 242 -5.46 24.47 -13.96
CA THR A 242 -6.45 24.45 -15.05
C THR A 242 -7.17 23.12 -15.20
N VAL A 243 -6.58 21.99 -14.73
CA VAL A 243 -7.25 20.68 -14.91
C VAL A 243 -8.54 20.64 -14.14
N LEU A 244 -8.65 21.43 -13.04
CA LEU A 244 -9.91 21.58 -12.30
C LEU A 244 -10.41 23.01 -12.29
N ASP A 245 -9.99 23.84 -13.27
CA ASP A 245 -10.38 25.25 -13.35
C ASP A 245 -10.21 25.95 -11.99
N LEU A 246 -9.01 25.74 -11.38
CA LEU A 246 -8.81 26.39 -10.10
C LEU A 246 -8.09 27.71 -10.34
N PRO A 247 -8.57 28.80 -9.73
CA PRO A 247 -8.03 30.13 -10.04
C PRO A 247 -6.75 30.53 -9.34
N TYR A 248 -6.35 29.84 -8.26
CA TYR A 248 -5.17 30.17 -7.49
C TYR A 248 -4.14 29.06 -7.59
N THR A 249 -2.86 29.46 -7.71
CA THR A 249 -1.74 28.54 -7.55
C THR A 249 -0.66 29.20 -6.73
N TYR A 250 -0.18 28.43 -5.76
CA TYR A 250 0.90 28.81 -4.85
C TYR A 250 2.09 27.90 -5.10
N SER A 251 3.30 28.46 -4.99
CA SER A 251 4.52 27.68 -4.88
C SER A 251 5.32 28.14 -3.67
N THR A 252 6.54 27.58 -3.50
CA THR A 252 7.38 28.08 -2.41
C THR A 252 7.73 29.54 -2.63
N LYS A 253 7.55 30.05 -3.85
CA LYS A 253 7.79 31.46 -4.13
C LYS A 253 6.58 32.35 -3.82
N GLY A 254 5.44 31.77 -3.43
CA GLY A 254 4.25 32.56 -3.15
C GLY A 254 3.17 32.39 -4.22
N VAL A 255 2.41 33.44 -4.48
CA VAL A 255 1.30 33.39 -5.43
C VAL A 255 1.87 33.40 -6.82
N ILE A 256 1.57 32.36 -7.60
CA ILE A 256 2.03 32.34 -8.98
C ILE A 256 0.87 32.37 -9.96
N LYS A 257 -0.37 32.23 -9.47
CA LYS A 257 -1.52 32.40 -10.33
C LYS A 257 -2.64 32.89 -9.48
N GLU A 258 -3.36 33.92 -9.93
CA GLU A 258 -4.53 34.45 -9.22
C GLU A 258 -5.44 35.14 -10.23
N PRO A 259 -6.73 35.31 -9.91
CA PRO A 259 -7.64 35.95 -10.87
C PRO A 259 -7.32 37.42 -11.14
N LYS A 310 -16.85 32.87 -11.88
CA LYS A 310 -17.65 31.72 -11.45
C LYS A 310 -16.94 30.96 -10.32
N PHE A 311 -16.84 31.57 -9.14
CA PHE A 311 -16.10 30.96 -8.04
C PHE A 311 -16.91 29.95 -7.23
N SER A 312 -16.20 28.96 -6.71
CA SER A 312 -16.80 27.99 -5.79
C SER A 312 -16.60 28.50 -4.38
N PRO A 313 -17.51 28.23 -3.42
CA PRO A 313 -17.23 28.49 -1.99
C PRO A 313 -16.63 27.28 -1.27
N ALA A 314 -16.50 26.16 -1.97
CA ALA A 314 -15.98 24.93 -1.40
C ALA A 314 -14.49 25.09 -1.11
N ASP A 315 -13.92 24.04 -0.52
CA ASP A 315 -12.51 24.06 -0.13
C ASP A 315 -11.76 23.06 -1.01
N VAL A 316 -11.45 23.48 -2.27
CA VAL A 316 -10.82 22.56 -3.21
C VAL A 316 -9.35 22.92 -3.27
N ILE A 317 -8.50 21.95 -2.97
CA ILE A 317 -7.07 22.18 -3.06
C ILE A 317 -6.49 21.07 -3.90
N MET A 318 -5.41 21.40 -4.56
CA MET A 318 -4.79 20.48 -5.48
C MET A 318 -3.28 20.52 -5.29
N LEU A 319 -2.67 19.34 -5.34
CA LEU A 319 -1.20 19.27 -5.29
C LEU A 319 -0.75 18.59 -6.57
N SER A 320 0.30 19.14 -7.20
CA SER A 320 0.73 18.61 -8.48
C SER A 320 2.10 19.21 -8.75
N GLY A 321 2.85 18.56 -9.65
CA GLY A 321 4.21 18.99 -9.98
C GLY A 321 4.19 19.84 -11.23
N SER A 322 5.14 20.76 -11.32
CA SER A 322 5.18 21.69 -12.45
C SER A 322 5.93 21.08 -13.63
N LYS A 323 5.29 21.04 -14.80
CA LYS A 323 5.91 20.46 -16.01
C LYS A 323 4.90 20.49 -17.15
N ALA A 329 -0.46 17.13 -24.51
CA ALA A 329 -0.30 15.68 -24.51
C ALA A 329 1.07 15.37 -23.96
N ASP A 330 1.33 15.93 -22.78
CA ASP A 330 2.69 16.27 -22.37
C ASP A 330 3.38 15.26 -21.51
N THR A 331 2.68 14.27 -21.04
CA THR A 331 3.38 13.25 -20.27
C THR A 331 3.84 12.05 -21.10
N PHE A 332 3.36 11.90 -22.35
CA PHE A 332 3.59 10.68 -23.13
C PHE A 332 5.06 10.45 -23.45
N ALA A 333 5.85 11.52 -23.59
CA ALA A 333 7.27 11.37 -23.84
C ALA A 333 8.10 11.72 -22.61
N ASP A 334 7.46 11.95 -21.48
CA ASP A 334 8.12 12.43 -20.27
C ASP A 334 7.65 11.64 -19.08
N GLY A 335 7.39 10.35 -19.29
CA GLY A 335 6.69 9.59 -18.27
C GLY A 335 7.46 9.45 -16.97
N GLN A 336 8.73 9.84 -16.94
CA GLN A 336 9.59 9.69 -15.77
C GLN A 336 9.21 10.64 -14.64
N ASN A 337 8.61 11.78 -14.96
CA ASN A 337 8.16 12.67 -13.90
C ASN A 337 6.83 12.23 -13.31
N ILE A 338 6.16 11.25 -13.91
CA ILE A 338 4.89 10.77 -13.36
C ILE A 338 5.15 10.03 -12.06
N GLY A 339 4.35 10.33 -11.01
CA GLY A 339 4.42 9.61 -9.77
C GLY A 339 5.24 10.27 -8.67
N ALA A 340 5.99 11.34 -8.98
CA ALA A 340 6.88 11.92 -7.97
C ALA A 340 6.11 12.62 -6.84
N MET A 341 4.93 13.20 -7.16
CA MET A 341 4.23 13.99 -6.15
CA MET A 341 4.21 13.99 -6.15
C MET A 341 3.61 13.12 -5.05
N SER A 342 2.94 12.00 -5.40
CA SER A 342 2.39 11.19 -4.31
C SER A 342 3.48 10.59 -3.46
N HIS A 343 4.60 10.21 -4.08
CA HIS A 343 5.69 9.68 -3.27
C HIS A 343 6.20 10.75 -2.31
N ALA A 344 6.42 11.95 -2.83
CA ALA A 344 6.92 13.04 -1.95
C ALA A 344 5.90 13.40 -0.89
N PHE A 345 4.60 13.48 -1.28
CA PHE A 345 3.54 13.83 -0.33
C PHE A 345 3.47 12.82 0.83
N ILE A 346 3.44 11.51 0.51
CA ILE A 346 3.36 10.52 1.56
C ILE A 346 4.56 10.61 2.48
N SER A 347 5.73 10.81 1.90
CA SER A 347 6.97 10.87 2.66
C SER A 347 6.95 12.06 3.63
N VAL A 348 6.62 13.25 3.09
CA VAL A 348 6.52 14.47 3.91
C VAL A 348 5.51 14.29 5.05
N MET A 349 4.31 13.78 4.72
CA MET A 349 3.25 13.74 5.73
C MET A 349 3.50 12.64 6.76
N THR A 350 4.18 11.54 6.36
CA THR A 350 4.51 10.49 7.32
C THR A 350 5.59 10.97 8.27
N ARG A 351 6.63 11.60 7.73
CA ARG A 351 7.73 12.07 8.57
C ARG A 351 7.27 13.13 9.57
N GLN A 352 6.35 13.99 9.15
CA GLN A 352 5.88 15.11 9.98
C GLN A 352 4.42 15.39 9.66
N PRO A 353 3.49 14.79 10.39
CA PRO A 353 2.06 15.01 10.15
C PRO A 353 1.59 16.44 10.35
N GLN A 354 2.31 17.22 11.15
CA GLN A 354 1.91 18.58 11.44
C GLN A 354 2.58 19.48 10.41
N GLN A 355 1.78 20.08 9.56
CA GLN A 355 2.23 20.91 8.47
C GLN A 355 1.33 22.14 8.39
N SER A 356 1.92 23.24 8.00
CA SER A 356 1.14 24.33 7.47
C SER A 356 1.15 24.18 5.96
N TYR A 357 0.30 24.94 5.26
CA TYR A 357 0.39 24.91 3.79
C TYR A 357 1.78 25.34 3.32
N LEU A 358 2.36 26.32 4.02
CA LEU A 358 3.73 26.77 3.75
C LEU A 358 4.74 25.64 3.90
N SER A 359 4.73 24.96 5.04
CA SER A 359 5.73 23.92 5.27
C SER A 359 5.49 22.70 4.39
N LEU A 360 4.23 22.42 4.07
CA LEU A 360 3.96 21.35 3.13
C LEU A 360 4.70 21.61 1.82
N LEU A 361 4.57 22.84 1.28
CA LEU A 361 5.23 23.16 0.01
C LEU A 361 6.74 23.16 0.18
N GLN A 362 7.24 23.74 1.27
CA GLN A 362 8.70 23.68 1.47
C GLN A 362 9.21 22.24 1.55
N ASN A 363 8.55 21.41 2.37
CA ASN A 363 9.02 20.04 2.56
C ASN A 363 8.84 19.24 1.27
N LEU A 364 7.76 19.45 0.51
CA LEU A 364 7.66 18.79 -0.78
C LEU A 364 8.81 19.22 -1.70
N ARG A 365 9.05 20.54 -1.79
CA ARG A 365 10.18 21.06 -2.59
C ARG A 365 11.49 20.38 -2.19
N ASN A 366 11.76 20.30 -0.88
CA ASN A 366 13.00 19.66 -0.45
C ASN A 366 13.03 18.20 -0.85
N GLU A 367 11.88 17.51 -0.75
CA GLU A 367 11.84 16.09 -1.07
C GLU A 367 12.06 15.84 -2.57
N LEU A 368 11.60 16.76 -3.45
CA LEU A 368 11.73 16.63 -4.91
C LEU A 368 12.99 17.25 -5.51
N ALA A 369 13.70 18.12 -4.80
CA ALA A 369 14.67 19.02 -5.44
C ALA A 369 15.72 18.27 -6.24
N GLY A 370 16.29 17.22 -5.69
CA GLY A 370 17.34 16.65 -6.52
C GLY A 370 16.81 15.74 -7.61
N LYS A 371 15.92 14.85 -7.16
CA LYS A 371 15.53 13.68 -7.91
C LYS A 371 14.70 14.04 -9.14
N TYR A 372 13.96 15.15 -9.09
CA TYR A 372 13.12 15.59 -10.20
C TYR A 372 13.26 17.08 -10.46
N SER A 373 12.96 17.45 -11.68
CA SER A 373 12.94 18.87 -12.02
C SER A 373 11.62 19.52 -11.64
N GLN A 374 10.56 18.75 -11.47
CA GLN A 374 9.29 19.38 -11.15
C GLN A 374 9.34 19.96 -9.73
N LYS A 375 8.61 21.08 -9.58
CA LYS A 375 8.44 21.79 -8.34
C LYS A 375 7.00 21.61 -7.87
N PRO A 376 6.78 21.57 -6.56
CA PRO A 376 5.41 21.34 -6.06
C PRO A 376 4.59 22.62 -6.17
N GLN A 377 3.31 22.48 -6.58
CA GLN A 377 2.43 23.62 -6.75
C GLN A 377 1.13 23.27 -6.06
N LEU A 378 0.64 24.18 -5.22
CA LEU A 378 -0.66 24.00 -4.56
C LEU A 378 -1.69 24.90 -5.25
N SER A 379 -2.72 24.30 -5.86
CA SER A 379 -3.70 25.08 -6.57
C SER A 379 -4.97 25.02 -5.71
N ALA A 380 -5.79 26.03 -5.84
CA ALA A 380 -6.96 26.10 -4.94
C ALA A 380 -8.09 26.89 -5.56
N SER A 381 -9.30 26.59 -5.06
CA SER A 381 -10.48 27.29 -5.50
C SER A 381 -10.61 28.66 -4.81
N HIS A 382 -9.76 28.96 -3.83
CA HIS A 382 -9.86 30.15 -3.01
C HIS A 382 -8.46 30.53 -2.57
N PRO A 383 -8.24 31.77 -2.13
CA PRO A 383 -6.95 32.16 -1.55
C PRO A 383 -6.65 31.31 -0.33
N ILE A 384 -5.37 31.16 -0.04
CA ILE A 384 -4.95 30.36 1.12
C ILE A 384 -4.01 31.23 1.95
N ASP A 385 -4.29 31.35 3.24
CA ASP A 385 -3.29 31.88 4.17
C ASP A 385 -2.33 30.70 4.45
N VAL A 386 -1.11 30.73 3.89
CA VAL A 386 -0.23 29.55 3.95
C VAL A 386 0.25 29.21 5.35
N ASN A 387 0.09 30.13 6.31
CA ASN A 387 0.47 29.87 7.68
C ASN A 387 -0.52 28.99 8.42
N LEU A 388 -1.70 28.77 7.85
CA LEU A 388 -2.65 27.90 8.51
C LEU A 388 -2.21 26.44 8.41
N GLN A 389 -2.67 25.66 9.37
CA GLN A 389 -2.42 24.21 9.31
C GLN A 389 -3.13 23.58 8.13
N PHE A 390 -2.38 22.69 7.47
CA PHE A 390 -2.87 21.85 6.39
C PHE A 390 -3.37 20.59 7.05
N ILE A 391 -4.71 20.46 7.14
CA ILE A 391 -5.35 19.34 7.80
C ILE A 391 -5.76 18.34 6.74
N MET A 392 -5.46 17.08 7.03
CA MET A 392 -5.80 15.95 6.19
C MET A 392 -7.00 15.21 6.71
N GLY B 73 22.45 1.40 21.26
CA GLY B 73 21.91 0.77 22.44
C GLY B 73 21.43 -0.66 22.30
N MET B 74 21.34 -1.18 21.07
CA MET B 74 20.87 -2.54 20.79
C MET B 74 22.03 -3.52 20.69
N VAL B 75 21.75 -4.80 20.92
CA VAL B 75 22.71 -5.85 20.62
C VAL B 75 22.29 -6.62 19.36
N ARG B 76 23.09 -6.54 18.32
CA ARG B 76 22.75 -7.28 17.10
C ARG B 76 23.07 -8.77 17.26
N PRO B 77 22.36 -9.62 16.52
CA PRO B 77 22.66 -11.04 16.57
C PRO B 77 24.13 -11.28 16.26
N PRO B 78 24.73 -12.27 16.90
CA PRO B 78 26.15 -12.57 16.61
C PRO B 78 26.31 -13.05 15.18
N SER B 79 27.49 -12.81 14.61
CA SER B 79 27.74 -13.35 13.28
C SER B 79 28.38 -14.73 13.30
N SER B 80 28.93 -15.15 14.43
CA SER B 80 29.55 -16.47 14.53
C SER B 80 28.51 -17.58 14.50
N ILE B 81 28.94 -18.75 14.05
CA ILE B 81 28.10 -19.93 14.04
C ILE B 81 27.70 -20.24 15.48
N GLN B 82 26.43 -20.56 15.69
CA GLN B 82 25.88 -20.81 17.01
C GLN B 82 25.60 -22.29 17.17
N GLN B 83 25.79 -22.77 18.38
CA GLN B 83 25.40 -24.12 18.79
C GLN B 83 24.35 -23.91 19.86
N GLY B 84 23.10 -24.22 19.53
CA GLY B 84 22.03 -23.99 20.46
C GLY B 84 21.20 -25.23 20.64
N ASN B 85 21.21 -25.78 21.85
CA ASN B 85 20.42 -26.97 22.20
C ASN B 85 20.77 -28.14 21.29
N GLY B 86 22.07 -28.30 20.96
CA GLY B 86 22.52 -29.37 20.08
C GLY B 86 22.34 -29.10 18.58
N GLN B 87 21.85 -27.94 18.23
CA GLN B 87 21.65 -27.53 16.84
C GLN B 87 22.72 -26.53 16.46
N GLN B 88 23.26 -26.66 15.25
CA GLN B 88 24.06 -25.58 14.71
C GLN B 88 23.21 -24.67 13.82
N PHE B 89 23.45 -23.36 13.92
CA PHE B 89 22.74 -22.44 13.05
C PHE B 89 23.49 -21.11 13.05
N GLN B 90 23.03 -20.19 12.19
CA GLN B 90 23.61 -18.85 12.14
C GLN B 90 22.51 -17.84 11.90
N TYR B 91 22.53 -16.76 12.67
CA TYR B 91 21.65 -15.63 12.38
C TYR B 91 22.12 -14.93 11.13
N SER B 92 21.18 -14.48 10.29
CA SER B 92 21.56 -13.58 9.19
C SER B 92 21.92 -12.17 9.63
N GLN B 93 22.98 -11.63 9.05
CA GLN B 93 23.29 -10.22 9.29
C GLN B 93 22.50 -9.29 8.39
N MET B 94 21.66 -9.85 7.49
CA MET B 94 20.70 -9.09 6.71
C MET B 94 21.39 -8.12 5.74
N THR B 95 22.64 -8.38 5.43
CA THR B 95 23.40 -7.56 4.50
C THR B 95 23.33 -8.07 3.08
N GLY B 96 22.62 -9.19 2.84
CA GLY B 96 22.56 -9.79 1.53
C GLY B 96 21.37 -9.33 0.69
N ARG B 97 20.95 -10.21 -0.20
CA ARG B 97 19.93 -9.88 -1.18
C ARG B 97 18.55 -9.87 -0.55
N ARG B 98 17.75 -8.92 -1.01
CA ARG B 98 16.39 -8.74 -0.52
C ARG B 98 15.36 -9.10 -1.60
N LYS B 99 14.74 -10.27 -1.46
CA LYS B 99 13.70 -10.73 -2.39
C LYS B 99 12.49 -11.11 -1.54
N ALA B 100 11.31 -10.96 -2.15
CA ALA B 100 10.09 -11.18 -1.37
C ALA B 100 9.05 -11.82 -2.27
N LEU B 101 8.22 -12.67 -1.64
CA LEU B 101 7.09 -13.29 -2.29
C LEU B 101 5.90 -12.94 -1.42
N LEU B 102 4.92 -12.28 -2.03
CA LEU B 102 3.76 -11.79 -1.29
C LEU B 102 2.54 -12.38 -1.95
N ILE B 103 1.67 -12.99 -1.16
CA ILE B 103 0.51 -13.73 -1.68
C ILE B 103 -0.72 -13.22 -0.96
N GLY B 104 -1.68 -12.64 -1.71
CA GLY B 104 -2.91 -12.16 -1.11
C GLY B 104 -4.07 -12.74 -1.88
N ILE B 105 -4.94 -13.52 -1.22
CA ILE B 105 -5.98 -14.26 -1.95
C ILE B 105 -7.31 -13.89 -1.34
N ASN B 106 -8.18 -13.31 -2.17
CA ASN B 106 -9.54 -12.94 -1.77
C ASN B 106 -10.56 -13.97 -2.22
N TYR B 107 -10.17 -14.94 -3.05
CA TYR B 107 -11.12 -16.01 -3.50
C TYR B 107 -12.35 -15.33 -4.11
N ILE B 108 -12.08 -14.36 -4.97
CA ILE B 108 -13.11 -13.45 -5.42
C ILE B 108 -14.24 -14.21 -6.10
N GLY B 109 -15.47 -13.86 -5.74
CA GLY B 109 -16.68 -14.41 -6.32
C GLY B 109 -17.03 -15.78 -5.87
N SER B 110 -16.27 -16.37 -4.94
CA SER B 110 -16.52 -17.71 -4.43
C SER B 110 -17.23 -17.61 -3.10
N LYS B 111 -17.72 -18.77 -2.61
CA LYS B 111 -18.37 -18.87 -1.30
C LYS B 111 -17.40 -18.69 -0.15
N ASN B 112 -16.10 -18.64 -0.43
CA ASN B 112 -15.09 -18.42 0.59
C ASN B 112 -14.42 -17.07 0.41
N ALA B 113 -15.09 -16.16 -0.31
CA ALA B 113 -14.50 -14.85 -0.56
C ALA B 113 -14.14 -14.11 0.72
N LEU B 114 -12.97 -13.45 0.65
CA LEU B 114 -12.48 -12.55 1.69
C LEU B 114 -12.32 -11.16 1.11
N ARG B 115 -12.23 -10.13 1.96
CA ARG B 115 -12.21 -8.76 1.42
C ARG B 115 -10.90 -8.00 1.55
N GLY B 116 -9.98 -8.46 2.37
CA GLY B 116 -8.83 -7.63 2.71
C GLY B 116 -7.49 -8.25 2.40
N CYS B 117 -7.46 -9.51 1.89
CA CYS B 117 -6.14 -10.16 1.78
C CYS B 117 -5.28 -9.54 0.69
N ILE B 118 -5.87 -9.12 -0.44
CA ILE B 118 -5.10 -8.46 -1.46
C ILE B 118 -4.51 -7.18 -0.91
N ASN B 119 -5.33 -6.40 -0.19
CA ASN B 119 -4.80 -5.14 0.36
C ASN B 119 -3.66 -5.44 1.36
N ASP B 120 -3.74 -6.57 2.06
CA ASP B 120 -2.64 -6.91 3.01
C ASP B 120 -1.35 -7.07 2.26
N ALA B 121 -1.39 -7.79 1.12
CA ALA B 121 -0.18 -7.97 0.34
C ALA B 121 0.37 -6.63 -0.16
N HIS B 122 -0.52 -5.73 -0.62
CA HIS B 122 -0.06 -4.40 -1.09
C HIS B 122 0.55 -3.62 0.07
N ASN B 123 -0.04 -3.75 1.26
CA ASN B 123 0.47 -3.08 2.47
C ASN B 123 1.90 -3.54 2.77
N ILE B 124 2.12 -4.86 2.74
CA ILE B 124 3.48 -5.36 2.96
C ILE B 124 4.40 -4.91 1.82
N PHE B 125 3.93 -4.99 0.57
CA PHE B 125 4.77 -4.47 -0.54
C PHE B 125 5.26 -3.04 -0.27
N ASN B 126 4.35 -2.18 0.15
CA ASN B 126 4.66 -0.77 0.43
C ASN B 126 5.64 -0.65 1.60
N TYR B 127 5.41 -1.43 2.63
CA TYR B 127 6.37 -1.37 3.77
C TYR B 127 7.77 -1.85 3.35
N LEU B 128 7.87 -3.00 2.66
CA LEU B 128 9.18 -3.51 2.27
C LEU B 128 9.88 -2.55 1.33
N THR B 129 9.16 -1.97 0.37
CA THR B 129 9.88 -1.12 -0.56
C THR B 129 10.23 0.24 0.04
N THR B 130 9.40 0.75 0.93
CA THR B 130 9.67 2.09 1.46
C THR B 130 10.64 2.07 2.61
N TYR B 131 10.50 1.08 3.51
CA TYR B 131 11.32 1.07 4.71
C TYR B 131 12.45 0.04 4.73
N CYS B 132 12.41 -1.02 3.89
CA CYS B 132 13.33 -2.12 4.04
C CYS B 132 14.16 -2.33 2.79
N GLY B 133 14.16 -1.36 1.84
CA GLY B 133 15.11 -1.50 0.75
C GLY B 133 14.81 -2.57 -0.27
N TYR B 134 13.61 -3.19 -0.28
CA TYR B 134 13.26 -4.12 -1.35
C TYR B 134 12.89 -3.36 -2.64
N ARG B 135 13.37 -3.83 -3.74
CA ARG B 135 13.15 -3.20 -5.04
C ARG B 135 12.02 -3.91 -5.75
N PRO B 136 11.24 -3.21 -6.57
CA PRO B 136 10.05 -3.86 -7.17
C PRO B 136 10.34 -5.07 -8.04
N GLU B 137 11.47 -5.08 -8.75
CA GLU B 137 11.82 -6.23 -9.55
C GLU B 137 12.24 -7.44 -8.73
N ASP B 138 12.42 -7.28 -7.42
CA ASP B 138 12.75 -8.35 -6.48
C ASP B 138 11.54 -8.78 -5.63
N ILE B 139 10.33 -8.40 -6.03
CA ILE B 139 9.10 -8.80 -5.30
C ILE B 139 8.18 -9.47 -6.31
N VAL B 140 7.80 -10.71 -6.02
CA VAL B 140 6.70 -11.37 -6.74
C VAL B 140 5.46 -11.24 -5.87
N MET B 141 4.43 -10.64 -6.40
CA MET B 141 3.20 -10.50 -5.64
C MET B 141 2.08 -11.16 -6.41
N LEU B 142 1.44 -12.14 -5.78
CA LEU B 142 0.42 -12.96 -6.44
C LEU B 142 -0.90 -12.66 -5.77
N THR B 143 -1.83 -12.09 -6.53
CA THR B 143 -3.14 -11.71 -5.99
C THR B 143 -4.18 -12.07 -7.06
N ASP B 144 -5.35 -12.45 -6.59
CA ASP B 144 -6.29 -13.03 -7.55
C ASP B 144 -7.22 -12.03 -8.21
N ASP B 145 -6.94 -10.73 -8.10
CA ASP B 145 -7.68 -9.75 -8.89
C ASP B 145 -7.04 -9.47 -10.23
N GLN B 146 -5.99 -10.18 -10.56
CA GLN B 146 -5.15 -9.83 -11.69
C GLN B 146 -5.69 -10.40 -12.99
N ARG B 147 -5.47 -9.65 -14.07
CA ARG B 147 -5.77 -10.13 -15.42
C ARG B 147 -4.72 -11.11 -15.92
N GLU B 148 -3.44 -10.89 -15.62
CA GLU B 148 -2.37 -11.75 -16.10
C GLU B 148 -2.30 -13.04 -15.30
N MET B 149 -2.42 -14.17 -15.97
CA MET B 149 -2.43 -15.47 -15.31
C MET B 149 -1.18 -15.68 -14.45
N VAL B 150 -0.03 -15.18 -14.90
CA VAL B 150 1.21 -15.40 -14.17
C VAL B 150 1.23 -14.69 -12.81
N LYS B 151 0.33 -13.75 -12.57
CA LYS B 151 0.27 -13.02 -11.32
C LYS B 151 -0.80 -13.59 -10.38
N ILE B 152 -1.52 -14.59 -10.84
CA ILE B 152 -2.61 -15.16 -10.02
C ILE B 152 -2.03 -16.20 -9.07
N PRO B 153 -2.51 -16.26 -7.79
CA PRO B 153 -1.98 -17.21 -6.80
C PRO B 153 -2.58 -18.62 -7.01
N LEU B 154 -2.50 -19.11 -8.24
CA LEU B 154 -2.70 -20.54 -8.51
C LEU B 154 -1.66 -21.36 -7.79
N LYS B 155 -2.02 -22.59 -7.39
CA LYS B 155 -1.03 -23.43 -6.73
C LYS B 155 0.29 -23.52 -7.49
N GLU B 156 0.23 -23.76 -8.80
CA GLU B 156 1.46 -23.97 -9.55
C GLU B 156 2.30 -22.70 -9.61
N ASN B 157 1.66 -21.53 -9.63
CA ASN B 157 2.39 -20.26 -9.61
C ASN B 157 3.01 -20.02 -8.23
N ILE B 158 2.31 -20.38 -7.17
CA ILE B 158 2.89 -20.22 -5.84
C ILE B 158 4.13 -21.09 -5.71
N ILE B 159 4.05 -22.34 -6.16
CA ILE B 159 5.23 -23.21 -6.07
C ILE B 159 6.40 -22.62 -6.86
N ARG B 160 6.16 -22.24 -8.12
CA ARG B 160 7.23 -21.66 -8.93
C ARG B 160 7.79 -20.41 -8.27
N ALA B 161 6.91 -19.60 -7.68
CA ALA B 161 7.41 -18.37 -7.04
C ALA B 161 8.22 -18.69 -5.79
N MET B 162 7.79 -19.67 -5.00
CA MET B 162 8.60 -20.06 -3.83
C MET B 162 9.98 -20.57 -4.26
N GLN B 163 10.05 -21.33 -5.36
CA GLN B 163 11.34 -21.77 -5.90
C GLN B 163 12.18 -20.58 -6.32
N TRP B 164 11.56 -19.57 -6.96
CA TRP B 164 12.29 -18.35 -7.32
C TRP B 164 12.82 -17.64 -6.09
N LEU B 165 12.00 -17.59 -5.03
CA LEU B 165 12.37 -16.79 -3.84
C LEU B 165 13.70 -17.24 -3.26
N VAL B 166 13.95 -18.56 -3.21
CA VAL B 166 15.11 -19.14 -2.53
C VAL B 166 16.20 -19.53 -3.51
N LYS B 167 15.99 -19.31 -4.80
CA LYS B 167 17.02 -19.64 -5.79
C LYS B 167 18.26 -18.81 -5.50
N ASP B 168 19.44 -19.45 -5.49
CA ASP B 168 20.72 -18.73 -5.32
C ASP B 168 20.82 -17.99 -3.99
N ALA B 169 20.03 -18.36 -2.99
CA ALA B 169 20.22 -17.78 -1.65
C ALA B 169 21.62 -18.07 -1.10
N GLN B 170 22.11 -17.10 -0.33
CA GLN B 170 23.40 -17.15 0.32
C GLN B 170 23.22 -16.78 1.78
N PRO B 171 24.17 -17.16 2.61
CA PRO B 171 24.21 -16.63 3.99
C PRO B 171 24.12 -15.12 3.98
N ASN B 172 23.42 -14.57 4.98
CA ASN B 172 23.12 -13.16 5.18
C ASN B 172 22.11 -12.55 4.23
N ASP B 173 21.46 -13.34 3.37
CA ASP B 173 20.35 -12.83 2.59
C ASP B 173 19.16 -12.54 3.50
N ALA B 174 18.23 -11.76 2.98
CA ALA B 174 17.05 -11.27 3.75
C ALA B 174 15.86 -11.55 2.85
N LEU B 175 15.35 -12.79 2.90
CA LEU B 175 14.21 -13.18 2.10
C LEU B 175 12.94 -12.98 2.90
N PHE B 176 11.86 -12.62 2.20
CA PHE B 176 10.63 -12.31 2.90
C PHE B 176 9.48 -13.04 2.23
N PHE B 177 8.57 -13.64 3.04
CA PHE B 177 7.41 -14.36 2.52
C PHE B 177 6.19 -13.88 3.25
N HIS B 178 5.17 -13.47 2.52
CA HIS B 178 3.92 -13.07 3.17
C HIS B 178 2.76 -13.86 2.56
N TYR B 179 1.85 -14.31 3.44
CA TYR B 179 0.65 -14.98 2.97
C TYR B 179 -0.55 -14.46 3.71
N SER B 180 -1.52 -14.00 2.96
CA SER B 180 -2.80 -13.63 3.53
C SER B 180 -3.84 -14.32 2.68
N GLY B 181 -4.61 -15.19 3.33
CA GLY B 181 -5.65 -15.96 2.67
C GLY B 181 -6.10 -17.03 3.63
N HIS B 182 -6.80 -18.03 3.10
CA HIS B 182 -7.32 -19.09 3.97
C HIS B 182 -6.25 -20.07 4.41
N GLY B 183 -6.45 -20.68 5.59
CA GLY B 183 -5.55 -21.74 6.02
C GLY B 183 -6.30 -22.77 6.84
N GLY B 184 -5.66 -23.92 6.97
CA GLY B 184 -6.28 -24.95 7.79
C GLY B 184 -5.44 -26.20 7.80
N GLN B 185 -6.11 -27.35 7.94
CA GLN B 185 -5.45 -28.64 7.97
C GLN B 185 -6.24 -29.62 7.13
N THR B 186 -5.53 -30.52 6.51
CA THR B 186 -6.17 -31.61 5.76
C THR B 186 -5.53 -32.93 6.20
N LYS B 187 -6.28 -34.01 6.08
CA LYS B 187 -5.77 -35.28 6.57
C LYS B 187 -4.55 -35.71 5.75
N ASP B 188 -3.53 -36.16 6.45
CA ASP B 188 -2.28 -36.63 5.86
C ASP B 188 -2.49 -38.10 5.48
N LEU B 189 -2.95 -38.34 4.25
CA LEU B 189 -3.44 -39.68 3.90
C LEU B 189 -2.31 -40.67 3.63
N ASP B 190 -1.11 -40.22 3.29
CA ASP B 190 0.01 -41.10 3.05
C ASP B 190 1.00 -41.09 4.19
N GLY B 191 0.67 -40.44 5.32
CA GLY B 191 1.59 -40.39 6.43
C GLY B 191 1.42 -41.56 7.40
N ASP B 192 2.31 -41.62 8.40
CA ASP B 192 2.35 -42.79 9.29
C ASP B 192 1.23 -42.81 10.30
N GLU B 193 0.86 -41.65 10.84
CA GLU B 193 -0.09 -41.60 11.93
C GLU B 193 -1.52 -41.64 11.41
N GLU B 194 -2.35 -42.47 12.03
CA GLU B 194 -3.75 -42.60 11.59
C GLU B 194 -4.55 -41.34 11.85
N ASP B 195 -4.03 -40.43 12.68
CA ASP B 195 -4.68 -39.16 12.96
C ASP B 195 -3.88 -37.98 12.41
N GLY B 196 -2.88 -38.25 11.56
CA GLY B 196 -1.96 -37.21 11.15
C GLY B 196 -2.67 -36.21 10.24
N MET B 197 -2.34 -34.94 10.42
CA MET B 197 -2.87 -33.82 9.64
C MET B 197 -1.73 -33.03 9.02
N ASP B 198 -1.96 -32.57 7.81
CA ASP B 198 -1.07 -31.60 7.16
C ASP B 198 -1.58 -30.20 7.46
N ASP B 199 -0.67 -29.26 7.72
CA ASP B 199 -1.03 -27.85 7.83
C ASP B 199 -0.86 -27.26 6.43
N VAL B 200 -1.83 -26.50 5.98
CA VAL B 200 -1.90 -26.13 4.57
C VAL B 200 -2.27 -24.66 4.37
N ILE B 201 -1.87 -24.11 3.22
CA ILE B 201 -2.47 -22.89 2.70
C ILE B 201 -3.37 -23.28 1.52
N TYR B 202 -4.25 -22.35 1.13
CA TYR B 202 -5.26 -22.58 0.08
C TYR B 202 -5.03 -21.68 -1.11
N PRO B 203 -4.36 -22.16 -2.16
CA PRO B 203 -4.28 -21.37 -3.41
C PRO B 203 -5.67 -21.11 -3.96
N VAL B 204 -5.75 -20.17 -4.88
CA VAL B 204 -7.11 -19.72 -5.30
C VAL B 204 -7.82 -20.87 -6.00
N ASP B 205 -7.06 -21.75 -6.61
CA ASP B 205 -7.65 -22.89 -7.34
C ASP B 205 -7.73 -24.16 -6.49
N PHE B 206 -7.76 -24.01 -5.16
CA PHE B 206 -7.69 -25.20 -4.31
C PHE B 206 -8.87 -26.18 -4.54
N GLU B 207 -10.01 -25.71 -4.99
CA GLU B 207 -11.12 -26.68 -5.18
C GLU B 207 -10.86 -27.63 -6.33
N SER B 208 -9.89 -27.33 -7.20
CA SER B 208 -9.59 -28.24 -8.29
C SER B 208 -8.21 -28.84 -8.20
N VAL B 209 -7.27 -28.20 -7.47
CA VAL B 209 -5.91 -28.73 -7.35
C VAL B 209 -5.48 -28.97 -5.92
N GLY B 210 -6.33 -28.71 -4.91
CA GLY B 210 -5.99 -29.01 -3.55
C GLY B 210 -5.20 -27.86 -2.91
N PRO B 211 -4.93 -28.02 -1.64
CA PRO B 211 -4.13 -27.05 -0.88
C PRO B 211 -2.65 -27.21 -1.23
N LEU B 212 -1.85 -26.29 -0.69
CA LEU B 212 -0.42 -26.41 -0.73
C LEU B 212 0.04 -26.73 0.69
N ILE B 213 0.75 -27.85 0.88
CA ILE B 213 0.96 -28.34 2.23
C ILE B 213 2.31 -27.97 2.80
N ASP B 214 2.35 -27.96 4.14
CA ASP B 214 3.58 -27.80 4.91
C ASP B 214 4.77 -28.54 4.32
N ASP B 215 4.65 -29.84 4.01
CA ASP B 215 5.84 -30.55 3.52
C ASP B 215 6.41 -29.87 2.29
N THR B 216 5.55 -29.40 1.39
CA THR B 216 6.05 -28.80 0.17
C THR B 216 6.69 -27.46 0.45
N MET B 217 6.03 -26.66 1.27
CA MET B 217 6.54 -25.30 1.56
C MET B 217 7.88 -25.42 2.28
N HIS B 218 7.97 -26.37 3.21
CA HIS B 218 9.23 -26.59 3.92
C HIS B 218 10.30 -27.08 2.96
N ASP B 219 9.96 -28.02 2.08
N ASP B 219 9.95 -28.03 2.09
CA ASP B 219 10.95 -28.56 1.18
CA ASP B 219 10.91 -28.59 1.14
C ASP B 219 11.47 -27.49 0.23
C ASP B 219 11.45 -27.50 0.22
N ILE B 220 10.59 -26.62 -0.25
CA ILE B 220 11.02 -25.59 -1.20
C ILE B 220 11.77 -24.46 -0.48
N MET B 221 11.17 -23.87 0.58
CA MET B 221 11.62 -22.60 1.16
C MET B 221 12.56 -22.76 2.35
N VAL B 222 12.60 -23.93 3.00
CA VAL B 222 13.40 -24.09 4.22
C VAL B 222 14.59 -25.03 4.01
N LYS B 223 14.32 -26.21 3.43
CA LYS B 223 15.37 -27.20 3.26
C LYS B 223 16.47 -26.71 2.32
N SER B 224 16.12 -25.90 1.32
CA SER B 224 17.14 -25.35 0.41
C SER B 224 18.16 -24.49 1.15
N LEU B 225 17.71 -23.76 2.17
CA LEU B 225 18.38 -22.52 2.54
C LEU B 225 19.71 -22.79 3.20
N PRO B 226 20.75 -22.05 2.80
CA PRO B 226 22.04 -22.16 3.47
C PRO B 226 22.01 -21.68 4.90
N GLN B 227 23.02 -22.11 5.63
CA GLN B 227 23.27 -21.60 6.97
C GLN B 227 23.34 -20.07 6.92
N GLY B 228 22.63 -19.41 7.86
CA GLY B 228 22.70 -17.98 7.91
C GLY B 228 21.89 -17.18 6.92
N ALA B 229 21.16 -17.81 6.02
CA ALA B 229 20.23 -17.07 5.19
C ALA B 229 18.94 -16.86 5.99
N ARG B 230 18.41 -15.64 5.96
CA ARG B 230 17.11 -15.34 6.62
C ARG B 230 15.98 -15.57 5.64
N LEU B 231 14.93 -16.24 6.14
CA LEU B 231 13.61 -16.16 5.53
C LEU B 231 12.74 -15.66 6.65
N THR B 232 12.07 -14.50 6.44
CA THR B 232 11.13 -13.96 7.43
C THR B 232 9.76 -14.24 6.82
N ALA B 233 8.96 -15.12 7.48
CA ALA B 233 7.65 -15.47 6.93
C ALA B 233 6.57 -14.88 7.80
N LEU B 234 5.67 -14.12 7.18
CA LEU B 234 4.59 -13.45 7.91
C LEU B 234 3.29 -14.04 7.38
N PHE B 235 2.60 -14.79 8.26
CA PHE B 235 1.30 -15.38 7.93
C PHE B 235 0.18 -14.54 8.55
N ASP B 236 -0.81 -14.21 7.73
CA ASP B 236 -2.01 -13.50 8.18
C ASP B 236 -3.16 -14.47 8.42
N SER B 237 -2.90 -15.76 8.27
CA SER B 237 -3.89 -16.84 8.30
C SER B 237 -3.92 -17.56 9.68
N CYS B 238 -3.22 -17.05 10.67
CA CYS B 238 -3.16 -17.68 12.01
C CYS B 238 -2.70 -19.14 12.01
N HIS B 239 -1.69 -19.46 11.17
CA HIS B 239 -1.03 -20.74 11.24
C HIS B 239 -0.11 -20.83 12.46
N SER B 240 0.20 -22.07 12.83
CA SER B 240 1.22 -22.37 13.81
C SER B 240 2.51 -22.65 13.07
N GLY B 241 3.62 -22.71 13.82
CA GLY B 241 4.91 -23.01 13.20
C GLY B 241 4.99 -24.31 12.40
N THR B 242 4.07 -25.27 12.64
CA THR B 242 3.98 -26.48 11.82
C THR B 242 3.80 -26.21 10.35
N VAL B 243 3.32 -25.02 9.96
CA VAL B 243 3.11 -24.75 8.54
C VAL B 243 4.43 -24.75 7.78
N LEU B 244 5.57 -24.45 8.44
CA LEU B 244 6.89 -24.59 7.83
C LEU B 244 7.76 -25.59 8.57
N ASP B 245 7.16 -26.48 9.36
CA ASP B 245 7.89 -27.40 10.24
C ASP B 245 8.97 -26.73 11.07
N LEU B 246 8.55 -25.66 11.74
CA LEU B 246 9.52 -24.95 12.58
C LEU B 246 9.40 -25.49 14.00
N PRO B 247 10.52 -25.87 14.63
CA PRO B 247 10.45 -26.54 15.94
C PRO B 247 10.29 -25.64 17.15
N TYR B 248 10.58 -24.33 17.04
CA TYR B 248 10.50 -23.39 18.16
C TYR B 248 9.35 -22.43 17.96
N THR B 249 8.59 -22.14 19.04
CA THR B 249 7.66 -21.01 19.00
C THR B 249 7.76 -20.25 20.31
N TYR B 250 7.85 -18.95 20.17
CA TYR B 250 7.90 -18.01 21.29
C TYR B 250 6.66 -17.16 21.33
N SER B 251 6.19 -16.86 22.57
CA SER B 251 5.20 -15.80 22.72
C SER B 251 5.69 -14.78 23.73
N THR B 252 4.83 -13.81 24.10
CA THR B 252 5.27 -12.89 25.13
C THR B 252 5.45 -13.63 26.45
N LYS B 253 4.98 -14.87 26.55
CA LYS B 253 5.15 -15.69 27.75
C LYS B 253 6.43 -16.55 27.74
N GLY B 254 7.21 -16.57 26.65
CA GLY B 254 8.43 -17.34 26.58
C GLY B 254 8.32 -18.43 25.53
N VAL B 255 9.04 -19.53 25.77
CA VAL B 255 8.99 -20.68 24.86
C VAL B 255 7.65 -21.35 25.04
N ILE B 256 6.91 -21.54 23.97
CA ILE B 256 5.70 -22.34 24.06
C ILE B 256 5.77 -23.57 23.19
N LYS B 257 6.79 -23.71 22.36
CA LYS B 257 7.01 -24.96 21.67
C LYS B 257 8.52 -25.08 21.47
N GLU B 258 9.04 -26.28 21.70
CA GLU B 258 10.45 -26.58 21.47
C GLU B 258 10.61 -28.09 21.32
N PRO B 259 11.69 -28.56 20.65
CA PRO B 259 11.87 -29.99 20.35
C PRO B 259 11.98 -30.88 21.61
N LYS B 310 17.72 -33.25 11.12
CA LYS B 310 16.55 -32.72 10.42
C LYS B 310 16.44 -31.21 10.63
N PHE B 311 17.32 -30.66 11.48
CA PHE B 311 17.28 -29.23 11.74
C PHE B 311 17.99 -28.45 10.67
N SER B 312 17.46 -27.28 10.38
CA SER B 312 18.08 -26.40 9.41
C SER B 312 19.11 -25.52 10.12
N PRO B 313 20.23 -25.20 9.47
CA PRO B 313 21.15 -24.18 9.97
C PRO B 313 20.81 -22.75 9.54
N ALA B 314 19.75 -22.58 8.74
CA ALA B 314 19.38 -21.29 8.21
C ALA B 314 18.72 -20.44 9.31
N ASP B 315 18.29 -19.23 8.97
CA ASP B 315 17.71 -18.30 9.94
C ASP B 315 16.26 -18.08 9.52
N VAL B 316 15.41 -19.06 9.80
CA VAL B 316 14.01 -18.98 9.36
C VAL B 316 13.18 -18.54 10.55
N ILE B 317 12.51 -17.41 10.41
CA ILE B 317 11.63 -16.92 11.46
C ILE B 317 10.25 -16.70 10.85
N MET B 318 9.24 -16.89 11.68
CA MET B 318 7.84 -16.84 11.29
C MET B 318 7.07 -15.97 12.27
N LEU B 319 6.25 -15.04 11.75
CA LEU B 319 5.30 -14.32 12.60
C LEU B 319 3.87 -14.65 12.20
N SER B 320 3.02 -14.97 13.19
CA SER B 320 1.66 -15.40 12.93
C SER B 320 0.85 -15.19 14.18
N GLY B 321 -0.45 -15.08 14.01
CA GLY B 321 -1.38 -14.90 15.14
C GLY B 321 -1.88 -16.25 15.65
N SER B 322 -2.24 -16.30 16.94
CA SER B 322 -2.70 -17.55 17.56
C SER B 322 -4.19 -17.84 17.38
N LYS B 323 -4.52 -18.77 16.47
CA LYS B 323 -5.88 -19.38 16.36
C LYS B 323 -6.15 -20.21 17.62
N ASP B 330 -9.52 -23.50 11.56
CA ASP B 330 -9.80 -23.05 10.19
C ASP B 330 -9.89 -21.55 10.11
N THR B 331 -9.50 -21.01 8.96
CA THR B 331 -9.90 -19.63 8.73
C THR B 331 -11.31 -19.60 8.16
N PHE B 332 -11.77 -20.72 7.60
CA PHE B 332 -13.08 -20.72 6.98
C PHE B 332 -14.16 -20.37 7.98
N ALA B 333 -13.87 -20.60 9.27
CA ALA B 333 -14.70 -20.18 10.40
C ALA B 333 -14.30 -18.77 10.84
N ASP B 334 -13.14 -18.67 11.52
CA ASP B 334 -12.68 -17.42 12.12
C ASP B 334 -12.03 -16.53 11.05
N GLY B 335 -12.76 -16.22 9.97
CA GLY B 335 -12.22 -15.41 8.89
C GLY B 335 -11.97 -13.97 9.27
N GLN B 336 -12.39 -13.61 10.47
CA GLN B 336 -12.24 -12.30 11.09
C GLN B 336 -10.84 -12.06 11.65
N ASN B 337 -10.15 -13.13 11.98
CA ASN B 337 -8.80 -13.01 12.48
C ASN B 337 -7.80 -13.06 11.33
N ILE B 338 -8.30 -13.09 10.09
CA ILE B 338 -7.36 -13.05 8.94
C ILE B 338 -6.92 -11.61 8.72
N GLY B 339 -5.59 -11.39 8.56
CA GLY B 339 -5.08 -10.09 8.18
C GLY B 339 -4.57 -9.24 9.33
N ALA B 340 -4.71 -9.72 10.57
CA ALA B 340 -4.35 -8.82 11.67
C ALA B 340 -2.84 -8.65 11.80
N MET B 341 -2.07 -9.69 11.47
CA MET B 341 -0.66 -9.66 11.77
CA MET B 341 -0.65 -9.70 11.75
C MET B 341 0.14 -8.74 10.87
N SER B 342 -0.12 -8.73 9.54
CA SER B 342 0.67 -7.81 8.72
C SER B 342 0.41 -6.38 9.10
N HIS B 343 -0.84 -6.04 9.38
CA HIS B 343 -1.15 -4.64 9.74
C HIS B 343 -0.47 -4.25 11.06
N ALA B 344 -0.53 -5.13 12.04
CA ALA B 344 0.11 -4.85 13.33
C ALA B 344 1.61 -4.76 13.17
N PHE B 345 2.18 -5.67 12.37
CA PHE B 345 3.64 -5.69 12.17
C PHE B 345 4.10 -4.39 11.52
N ILE B 346 3.41 -3.96 10.45
CA ILE B 346 3.85 -2.74 9.76
C ILE B 346 3.74 -1.54 10.70
N SER B 347 2.66 -1.53 11.50
CA SER B 347 2.48 -0.44 12.45
CA SER B 347 2.47 -0.45 12.47
C SER B 347 3.60 -0.40 13.49
N VAL B 348 3.89 -1.54 14.13
CA VAL B 348 4.96 -1.64 15.12
C VAL B 348 6.29 -1.19 14.51
N MET B 349 6.63 -1.72 13.32
CA MET B 349 7.96 -1.45 12.80
C MET B 349 8.11 -0.03 12.26
N THR B 350 7.01 0.56 11.78
CA THR B 350 7.15 1.92 11.25
C THR B 350 7.15 2.92 12.40
N ARG B 351 6.38 2.66 13.44
CA ARG B 351 6.39 3.56 14.61
C ARG B 351 7.75 3.54 15.28
N GLN B 352 8.36 2.36 15.36
CA GLN B 352 9.60 2.20 16.11
C GLN B 352 10.45 1.14 15.42
N PRO B 353 11.33 1.54 14.53
CA PRO B 353 12.13 0.56 13.80
C PRO B 353 13.06 -0.25 14.67
N GLN B 354 13.51 0.29 15.81
CA GLN B 354 14.41 -0.44 16.71
C GLN B 354 13.59 -1.36 17.60
N GLN B 355 13.78 -2.67 17.42
CA GLN B 355 13.05 -3.65 18.20
C GLN B 355 14.01 -4.77 18.57
N SER B 356 13.78 -5.40 19.73
CA SER B 356 14.33 -6.73 19.94
C SER B 356 13.28 -7.74 19.51
N TYR B 357 13.65 -9.03 19.46
CA TYR B 357 12.60 -10.03 19.20
C TYR B 357 11.53 -9.96 20.29
N LEU B 358 11.97 -9.72 21.52
CA LEU B 358 11.01 -9.59 22.62
C LEU B 358 10.10 -8.38 22.46
N SER B 359 10.67 -7.20 22.23
CA SER B 359 9.85 -6.01 22.10
C SER B 359 8.96 -6.08 20.88
N LEU B 360 9.43 -6.73 19.82
CA LEU B 360 8.51 -6.95 18.70
C LEU B 360 7.26 -7.70 19.17
N LEU B 361 7.45 -8.79 19.92
CA LEU B 361 6.26 -9.54 20.35
C LEU B 361 5.41 -8.71 21.30
N GLN B 362 6.05 -8.01 22.23
CA GLN B 362 5.27 -7.18 23.15
C GLN B 362 4.49 -6.09 22.43
N ASN B 363 5.15 -5.40 21.50
CA ASN B 363 4.48 -4.32 20.79
C ASN B 363 3.41 -4.88 19.86
N LEU B 364 3.66 -6.05 19.25
CA LEU B 364 2.58 -6.66 18.46
C LEU B 364 1.37 -6.96 19.35
N ARG B 365 1.60 -7.58 20.51
CA ARG B 365 0.51 -7.87 21.43
C ARG B 365 -0.25 -6.59 21.79
N ASN B 366 0.48 -5.51 22.09
CA ASN B 366 -0.21 -4.26 22.47
C ASN B 366 -1.07 -3.74 21.32
N GLU B 367 -0.52 -3.79 20.08
CA GLU B 367 -1.24 -3.37 18.88
C GLU B 367 -2.46 -4.25 18.60
N LEU B 368 -2.33 -5.55 18.80
CA LEU B 368 -3.44 -6.42 18.42
C LEU B 368 -4.58 -6.32 19.42
N ALA B 369 -4.27 -5.96 20.64
CA ALA B 369 -5.20 -6.13 21.75
C ALA B 369 -6.60 -5.50 21.59
N GLY B 370 -6.65 -4.31 21.07
CA GLY B 370 -7.94 -3.66 20.98
C GLY B 370 -8.74 -3.94 19.74
N LYS B 371 -8.21 -4.82 18.90
CA LYS B 371 -8.80 -5.05 17.61
C LYS B 371 -9.10 -6.51 17.34
N TYR B 372 -8.27 -7.41 17.88
CA TYR B 372 -8.40 -8.83 17.63
C TYR B 372 -8.15 -9.67 18.88
N SER B 373 -8.57 -10.95 18.84
CA SER B 373 -8.29 -11.84 19.96
C SER B 373 -6.98 -12.63 19.82
N GLN B 374 -6.41 -12.66 18.63
CA GLN B 374 -5.20 -13.43 18.42
C GLN B 374 -4.01 -12.79 19.13
N LYS B 375 -3.11 -13.64 19.56
CA LYS B 375 -1.88 -13.19 20.19
C LYS B 375 -0.70 -13.44 19.25
N PRO B 376 0.30 -12.60 19.25
CA PRO B 376 1.41 -12.82 18.30
C PRO B 376 2.34 -13.97 18.74
N GLN B 377 2.84 -14.75 17.73
CA GLN B 377 3.74 -15.86 18.02
C GLN B 377 4.88 -15.80 17.03
N LEU B 378 6.10 -15.98 17.55
CA LEU B 378 7.30 -16.04 16.71
C LEU B 378 7.79 -17.48 16.66
N SER B 379 7.81 -18.07 15.48
CA SER B 379 8.26 -19.45 15.32
C SER B 379 9.58 -19.39 14.61
N ALA B 380 10.39 -20.41 14.82
CA ALA B 380 11.74 -20.30 14.28
C ALA B 380 12.36 -21.66 14.07
N SER B 381 13.33 -21.71 13.14
CA SER B 381 14.02 -22.96 12.86
C SER B 381 15.10 -23.25 13.91
N HIS B 382 15.43 -22.28 14.77
CA HIS B 382 16.49 -22.40 15.77
C HIS B 382 16.07 -21.61 17.02
N PRO B 383 16.74 -21.85 18.17
CA PRO B 383 16.42 -21.05 19.35
C PRO B 383 16.74 -19.59 19.06
N ILE B 384 16.02 -18.70 19.72
CA ILE B 384 16.27 -17.28 19.59
C ILE B 384 16.59 -16.72 20.99
N ASP B 385 17.66 -15.95 21.09
CA ASP B 385 17.86 -15.08 22.24
C ASP B 385 17.00 -13.82 22.02
N VAL B 386 15.85 -13.73 22.70
CA VAL B 386 14.87 -12.70 22.37
C VAL B 386 15.34 -11.28 22.67
N ASN B 387 16.46 -11.11 23.40
CA ASN B 387 16.96 -9.78 23.70
C ASN B 387 17.75 -9.16 22.54
N LEU B 388 18.06 -10.00 21.56
CA LEU B 388 18.81 -9.51 20.41
C LEU B 388 17.92 -8.62 19.56
N GLN B 389 18.57 -7.75 18.76
CA GLN B 389 17.83 -6.86 17.88
C GLN B 389 17.20 -7.68 16.76
N PHE B 390 15.92 -7.40 16.48
CA PHE B 390 15.20 -7.95 15.33
C PHE B 390 15.49 -7.03 14.13
N ILE B 391 16.29 -7.55 13.18
CA ILE B 391 16.71 -6.78 12.03
C ILE B 391 15.90 -7.21 10.81
N MET B 392 15.43 -6.22 10.09
CA MET B 392 14.63 -6.41 8.84
C MET B 392 15.45 -6.20 7.61
N1 EPE C . -18.40 2.91 -8.03
C2 EPE C . -18.33 3.99 -9.02
C3 EPE C . -17.72 3.60 -10.34
N4 EPE C . -16.76 2.52 -10.39
C5 EPE C . -16.77 1.52 -9.33
C6 EPE C . -17.29 1.96 -7.96
C7 EPE C . -16.56 1.96 -11.71
C8 EPE C . -17.85 1.20 -12.14
O8 EPE C . -18.81 1.85 -12.99
C9 EPE C . -18.79 3.43 -6.72
C10 EPE C . -20.32 3.41 -6.64
S EPE C . -20.92 2.33 -5.33
O1S EPE C . -20.03 2.36 -4.17
O2S EPE C . -22.24 2.81 -4.91
O3S EPE C . -20.99 0.97 -5.91
MG MG D . -14.57 22.42 -25.46
MG MG E . 6.66 5.98 -9.58
MG MG F . -9.81 24.28 -19.60
N1 EPE G . 7.78 -15.73 -10.97
C2 EPE G . 7.58 -17.02 -10.30
C3 EPE G . 6.15 -17.52 -10.45
N4 EPE G . 5.01 -16.62 -10.65
C5 EPE G . 5.30 -15.27 -11.12
C6 EPE G . 6.72 -14.70 -11.08
C7 EPE G . 3.92 -17.27 -11.35
C8 EPE G . 4.71 -18.14 -12.40
O8 EPE G . 4.12 -19.14 -13.21
C9 EPE G . 9.14 -15.17 -10.85
C10 EPE G . 9.42 -14.64 -12.26
S EPE G . 11.19 -14.55 -12.54
O1S EPE G . 11.74 -13.39 -11.82
O2S EPE G . 11.75 -15.82 -12.05
O3S EPE G . 11.48 -14.46 -13.97
MG MG H . -7.70 -6.97 6.91
MG MG I . 2.99 -31.26 8.94
MG MG J . 1.53 -36.72 3.54
#